data_7JTZ
#
_entry.id   7JTZ
#
_cell.length_a   54.369
_cell.length_b   74.031
_cell.length_c   77.902
_cell.angle_alpha   90.000
_cell.angle_beta   105.344
_cell.angle_gamma   90.000
#
_symmetry.space_group_name_H-M   'P 1 21 1'
#
loop_
_entity.id
_entity.type
_entity.pdbx_description
1 polymer 'ADP-ribosylation factor GTPase-activating protein GLO3'
2 non-polymer 'ZINC ION'
3 non-polymer GLYCEROL
4 water water
#
_entity_poly.entity_id   1
_entity_poly.type   'polypeptide(L)'
_entity_poly.pdbx_seq_one_letter_code
;MSNDEGETFATEQTTQQVFQKLGSNMENRVCFDCGNKNPTWTSVPFGVMLCIQCSAVHRNMGVHITFVKSSTLDKWTINN
LRRFKLGGNHKARDFFLKNNGKQLLNTANVDAKTKYTSPVAKKYKIHLDKKVQKDMELYPSELVLNGQDSGSGLVPR
;
_entity_poly.pdbx_strand_id   B,A,C,D
#
loop_
_chem_comp.id
_chem_comp.type
_chem_comp.name
_chem_comp.formula
GOL non-polymer GLYCEROL 'C3 H8 O3'
ZN non-polymer 'ZINC ION' 'Zn 2'
#
# COMPACT_ATOMS: atom_id res chain seq x y z
N ASP A 4 6.31 16.63 15.12
CA ASP A 4 6.25 15.61 14.08
C ASP A 4 7.34 14.56 14.31
N GLU A 5 7.88 14.55 15.53
CA GLU A 5 8.85 13.53 15.92
C GLU A 5 8.25 12.12 15.88
N GLY A 6 6.92 12.00 15.86
CA GLY A 6 6.24 10.74 15.83
C GLY A 6 5.91 10.22 14.44
N GLU A 7 6.34 10.92 13.40
CA GLU A 7 6.12 10.49 12.02
C GLU A 7 7.22 9.59 11.50
N THR A 8 8.29 9.37 12.25
CA THR A 8 9.27 8.39 11.85
C THR A 8 8.69 6.99 11.98
N PHE A 9 9.20 6.07 11.18
CA PHE A 9 8.67 4.72 11.15
C PHE A 9 9.17 3.92 12.35
N ALA A 10 8.26 3.15 12.95
CA ALA A 10 8.60 2.34 14.11
C ALA A 10 9.37 1.09 13.71
N THR A 11 10.06 0.52 14.67
CA THR A 11 10.80 -0.71 14.43
C THR A 11 9.86 -1.91 14.47
N GLU A 12 10.24 -2.95 13.72
CA GLU A 12 9.39 -4.13 13.57
C GLU A 12 9.07 -4.76 14.92
N GLN A 13 10.05 -4.79 15.84
CA GLN A 13 9.80 -5.40 17.14
C GLN A 13 8.82 -4.56 17.98
N THR A 14 8.91 -3.23 17.91
CA THR A 14 7.89 -2.42 18.56
C THR A 14 6.52 -2.66 17.93
N THR A 15 6.47 -2.72 16.59
CA THR A 15 5.22 -3.02 15.92
C THR A 15 4.66 -4.37 16.34
N GLN A 16 5.52 -5.38 16.42
CA GLN A 16 5.04 -6.70 16.80
C GLN A 16 4.53 -6.70 18.24
N GLN A 17 5.26 -6.05 19.15
CA GLN A 17 4.86 -6.03 20.55
C GLN A 17 3.53 -5.33 20.77
N VAL A 18 3.24 -4.32 19.96
CA VAL A 18 1.99 -3.58 20.08
C VAL A 18 0.81 -4.50 19.80
N PHE A 19 0.87 -5.19 18.66
CA PHE A 19 -0.22 -6.08 18.27
C PHE A 19 -0.19 -7.38 19.06
N GLN A 20 0.99 -7.76 19.58
CA GLN A 20 1.03 -8.85 20.53
C GLN A 20 0.24 -8.51 21.79
N LYS A 21 0.37 -7.29 22.28
CA LYS A 21 -0.35 -6.89 23.49
C LYS A 21 -1.86 -6.92 23.28
N LEU A 22 -2.33 -6.35 22.16
CA LEU A 22 -3.76 -6.41 21.86
C LEU A 22 -4.23 -7.85 21.74
N GLY A 23 -3.44 -8.70 21.11
CA GLY A 23 -3.79 -10.08 20.85
C GLY A 23 -4.06 -10.91 22.10
N SER A 24 -3.80 -10.37 23.29
CA SER A 24 -4.09 -11.12 24.52
C SER A 24 -5.56 -11.03 24.88
N ASN A 25 -6.26 -10.01 24.38
CA ASN A 25 -7.68 -9.87 24.62
C ASN A 25 -8.44 -10.55 23.48
N MET A 26 -9.47 -11.30 23.82
CA MET A 26 -10.19 -12.07 22.81
C MET A 26 -10.85 -11.18 21.78
N GLU A 27 -11.33 -9.99 22.20
CA GLU A 27 -11.99 -9.09 21.26
C GLU A 27 -11.07 -8.71 20.13
N ASN A 28 -9.76 -8.66 20.36
CA ASN A 28 -8.82 -8.29 19.33
C ASN A 28 -8.40 -9.46 18.45
N ARG A 29 -8.93 -10.65 18.69
CA ARG A 29 -8.66 -11.79 17.83
C ARG A 29 -9.76 -12.04 16.79
N VAL A 30 -10.78 -11.18 16.72
CA VAL A 30 -11.84 -11.31 15.74
C VAL A 30 -12.05 -9.96 15.05
N CYS A 31 -12.46 -10.00 13.79
CA CYS A 31 -12.69 -8.77 13.06
C CYS A 31 -13.78 -7.94 13.74
N PHE A 32 -13.50 -6.65 13.90
CA PHE A 32 -14.46 -5.76 14.57
C PHE A 32 -15.76 -5.59 13.79
N ASP A 33 -15.75 -5.81 12.48
CA ASP A 33 -16.99 -5.66 11.71
C ASP A 33 -17.72 -6.97 11.48
N CYS A 34 -17.03 -8.10 11.33
CA CYS A 34 -17.72 -9.35 10.99
C CYS A 34 -17.33 -10.54 11.84
N GLY A 35 -16.38 -10.42 12.76
CA GLY A 35 -16.07 -11.53 13.65
C GLY A 35 -15.28 -12.67 13.04
N ASN A 36 -14.83 -12.56 11.78
CA ASN A 36 -13.82 -13.48 11.25
C ASN A 36 -12.62 -13.57 12.19
N LYS A 37 -11.99 -14.75 12.23
CA LYS A 37 -10.91 -14.98 13.19
C LYS A 37 -9.60 -14.36 12.73
N ASN A 38 -8.78 -13.98 13.71
CA ASN A 38 -7.41 -13.54 13.48
C ASN A 38 -7.26 -12.44 12.43
N PRO A 39 -7.86 -11.27 12.66
CA PRO A 39 -7.65 -10.15 11.73
C PRO A 39 -6.25 -9.60 11.85
N THR A 40 -5.63 -9.29 10.72
CA THR A 40 -4.33 -8.63 10.71
C THR A 40 -4.38 -7.29 9.99
N TRP A 41 -5.52 -6.91 9.44
CA TRP A 41 -5.69 -5.57 8.89
C TRP A 41 -6.27 -4.68 9.97
N THR A 42 -6.31 -3.39 9.68
CA THR A 42 -6.69 -2.40 10.69
C THR A 42 -7.40 -1.24 10.01
N SER A 43 -8.26 -0.58 10.78
CA SER A 43 -8.72 0.76 10.44
C SER A 43 -8.01 1.70 11.41
N VAL A 44 -7.05 2.47 10.89
CA VAL A 44 -6.14 3.20 11.75
C VAL A 44 -6.86 4.25 12.59
N PRO A 45 -7.74 5.10 12.04
CA PRO A 45 -8.34 6.15 12.87
C PRO A 45 -9.18 5.64 14.02
N PHE A 46 -9.84 4.51 13.85
CA PHE A 46 -10.64 3.93 14.90
C PHE A 46 -9.87 2.95 15.76
N GLY A 47 -8.65 2.60 15.35
CA GLY A 47 -7.81 1.71 16.13
C GLY A 47 -8.41 0.33 16.32
N VAL A 48 -9.06 -0.21 15.29
CA VAL A 48 -9.66 -1.54 15.36
C VAL A 48 -9.04 -2.48 14.32
N MET A 49 -9.15 -3.78 14.62
CA MET A 49 -8.63 -4.86 13.79
C MET A 49 -9.71 -5.36 12.85
N LEU A 50 -9.32 -5.63 11.59
CA LEU A 50 -10.24 -6.00 10.53
C LEU A 50 -9.67 -7.14 9.72
N CYS A 51 -10.56 -8.03 9.24
CA CYS A 51 -10.16 -9.07 8.30
C CYS A 51 -9.88 -8.45 6.94
N ILE A 52 -9.35 -9.29 6.04
CA ILE A 52 -9.05 -8.82 4.70
C ILE A 52 -10.30 -8.27 4.00
N GLN A 53 -11.44 -8.95 4.18
CA GLN A 53 -12.67 -8.52 3.51
C GLN A 53 -13.10 -7.14 3.98
N CYS A 54 -13.11 -6.92 5.28
CA CYS A 54 -13.57 -5.63 5.76
C CYS A 54 -12.53 -4.54 5.50
N SER A 55 -11.27 -4.93 5.35
CA SER A 55 -10.27 -3.96 4.90
C SER A 55 -10.64 -3.44 3.52
N ALA A 56 -11.17 -4.30 2.66
CA ALA A 56 -11.66 -3.83 1.37
C ALA A 56 -12.88 -2.94 1.53
N VAL A 57 -13.79 -3.28 2.45
CA VAL A 57 -14.96 -2.42 2.64
C VAL A 57 -14.51 -1.03 3.09
N HIS A 58 -13.60 -0.97 4.06
CA HIS A 58 -13.13 0.31 4.57
C HIS A 58 -12.39 1.10 3.49
N ARG A 59 -11.54 0.41 2.72
CA ARG A 59 -10.81 1.06 1.64
C ARG A 59 -11.77 1.79 0.69
N ASN A 60 -12.90 1.16 0.37
CA ASN A 60 -13.85 1.79 -0.54
C ASN A 60 -14.64 2.93 0.10
N MET A 61 -14.64 3.06 1.42
CA MET A 61 -15.36 4.19 2.03
C MET A 61 -14.65 5.53 1.75
N GLY A 62 -13.34 5.52 1.57
CA GLY A 62 -12.65 6.77 1.33
C GLY A 62 -11.90 7.24 2.57
N VAL A 63 -10.78 7.95 2.34
CA VAL A 63 -9.94 8.37 3.46
C VAL A 63 -10.64 9.43 4.32
N HIS A 64 -11.67 10.08 3.77
CA HIS A 64 -12.51 10.97 4.55
C HIS A 64 -13.11 10.26 5.76
N ILE A 65 -13.27 8.95 5.70
CA ILE A 65 -13.89 8.18 6.77
C ILE A 65 -12.87 7.30 7.50
N THR A 66 -11.98 6.65 6.76
CA THR A 66 -11.10 5.66 7.36
C THR A 66 -9.94 5.44 6.39
N PHE A 67 -8.88 4.80 6.88
CA PHE A 67 -7.90 4.23 5.99
C PHE A 67 -7.30 3.02 6.68
N VAL A 68 -6.81 2.07 5.87
CA VAL A 68 -6.43 0.76 6.35
C VAL A 68 -4.93 0.57 6.23
N LYS A 69 -4.39 -0.23 7.14
CA LYS A 69 -3.01 -0.69 7.06
C LYS A 69 -2.93 -2.10 7.64
N SER A 70 -2.03 -2.91 7.07
CA SER A 70 -1.77 -4.25 7.58
C SER A 70 -0.84 -4.19 8.77
N SER A 71 -1.23 -4.88 9.84
CA SER A 71 -0.40 -4.96 11.04
C SER A 71 0.93 -5.67 10.78
N THR A 72 1.02 -6.48 9.72
CA THR A 72 2.20 -7.32 9.50
C THR A 72 2.95 -7.06 8.20
N LEU A 73 2.37 -6.32 7.26
CA LEU A 73 3.02 -6.10 5.98
C LEU A 73 3.38 -4.65 5.70
N ASP A 74 2.80 -3.71 6.42
CA ASP A 74 3.10 -2.29 6.26
C ASP A 74 4.02 -1.80 7.35
N LYS A 75 4.81 -0.78 7.03
CA LYS A 75 5.55 -0.06 8.05
C LYS A 75 4.60 0.84 8.82
N TRP A 76 4.79 0.92 10.13
CA TRP A 76 3.93 1.70 11.00
C TRP A 76 4.69 2.89 11.56
N THR A 77 4.09 4.06 11.49
CA THR A 77 4.68 5.20 12.15
C THR A 77 4.34 5.14 13.64
N ILE A 78 5.10 5.89 14.43
CA ILE A 78 4.85 5.96 15.87
C ILE A 78 3.43 6.43 16.13
N ASN A 79 3.07 7.56 15.52
CA ASN A 79 1.72 8.10 15.70
C ASN A 79 0.63 7.09 15.33
N ASN A 80 0.86 6.28 14.29
CA ASN A 80 -0.16 5.30 13.92
C ASN A 80 -0.26 4.18 14.94
N LEU A 81 0.88 3.70 15.43
CA LEU A 81 0.88 2.67 16.45
C LEU A 81 0.20 3.12 17.73
N ARG A 82 0.26 4.43 18.04
CA ARG A 82 -0.40 4.93 19.24
C ARG A 82 -1.87 4.54 19.28
N ARG A 83 -2.53 4.53 18.10
CA ARG A 83 -3.96 4.27 18.11
C ARG A 83 -4.28 2.84 18.49
N PHE A 84 -3.30 1.94 18.44
CA PHE A 84 -3.48 0.56 18.88
C PHE A 84 -2.90 0.28 20.25
N LYS A 85 -1.95 1.09 20.72
CA LYS A 85 -1.63 1.02 22.15
C LYS A 85 -2.84 1.44 22.97
N LEU A 86 -3.54 2.48 22.53
CA LEU A 86 -4.60 3.09 23.28
C LEU A 86 -6.00 2.68 22.82
N GLY A 87 -6.11 1.95 21.71
CA GLY A 87 -7.40 1.58 21.13
C GLY A 87 -7.59 0.08 21.13
N GLY A 88 -7.79 -0.51 19.96
CA GLY A 88 -8.13 -1.91 19.86
C GLY A 88 -9.63 -2.15 19.92
N ASN A 89 -10.01 -3.41 19.63
CA ASN A 89 -11.41 -3.80 19.55
C ASN A 89 -12.10 -3.79 20.89
N HIS A 90 -11.39 -4.13 21.96
CA HIS A 90 -12.02 -4.20 23.27
C HIS A 90 -12.39 -2.80 23.78
N LYS A 91 -11.47 -1.85 23.66
CA LYS A 91 -11.76 -0.47 24.03
C LYS A 91 -12.90 0.09 23.18
N ALA A 92 -12.85 -0.12 21.85
CA ALA A 92 -13.94 0.34 20.99
C ALA A 92 -15.26 -0.30 21.39
N ARG A 93 -15.27 -1.62 21.57
CA ARG A 93 -16.55 -2.25 21.89
C ARG A 93 -17.09 -1.70 23.21
N ASP A 94 -16.22 -1.55 24.21
CA ASP A 94 -16.67 -1.06 25.51
C ASP A 94 -17.27 0.34 25.41
N PHE A 95 -16.70 1.19 24.56
CA PHE A 95 -17.25 2.52 24.38
C PHE A 95 -18.63 2.45 23.71
N PHE A 96 -18.75 1.61 22.69
CA PHE A 96 -20.02 1.44 22.01
C PHE A 96 -21.10 0.92 22.95
N LEU A 97 -20.77 -0.08 23.77
CA LEU A 97 -21.75 -0.59 24.72
C LEU A 97 -22.21 0.51 25.66
N LYS A 98 -21.27 1.32 26.16
CA LYS A 98 -21.65 2.37 27.11
C LYS A 98 -22.49 3.45 26.46
N ASN A 99 -22.32 3.66 25.17
CA ASN A 99 -22.95 4.79 24.49
C ASN A 99 -24.09 4.33 23.59
N ASN A 100 -24.89 3.37 24.11
CA ASN A 100 -26.02 2.74 23.41
C ASN A 100 -25.75 2.61 21.92
N GLY A 101 -24.81 1.76 21.55
CA GLY A 101 -24.52 1.53 20.16
C GLY A 101 -24.24 0.07 19.91
N LYS A 102 -24.84 -0.81 20.74
CA LYS A 102 -24.61 -2.23 20.56
C LYS A 102 -25.22 -2.74 19.25
N GLN A 103 -26.25 -2.05 18.76
CA GLN A 103 -26.81 -2.48 17.48
C GLN A 103 -25.78 -2.37 16.37
N LEU A 104 -24.87 -1.39 16.44
CA LEU A 104 -23.88 -1.22 15.40
C LEU A 104 -22.76 -2.26 15.44
N LEU A 105 -22.62 -3.00 16.54
CA LEU A 105 -21.59 -4.02 16.67
C LEU A 105 -21.97 -5.39 16.08
N ASN A 106 -23.18 -5.55 15.54
CA ASN A 106 -23.59 -6.84 14.98
C ASN A 106 -22.71 -7.22 13.79
N THR A 107 -22.46 -8.52 13.63
CA THR A 107 -21.61 -8.96 12.52
C THR A 107 -22.38 -9.08 11.21
N ALA A 108 -23.68 -8.84 11.21
CA ALA A 108 -24.51 -8.99 10.01
C ALA A 108 -25.45 -7.81 9.92
N ASN A 109 -25.85 -7.49 8.69
CA ASN A 109 -26.90 -6.50 8.42
C ASN A 109 -26.55 -5.10 8.94
N VAL A 110 -25.26 -4.79 9.09
CA VAL A 110 -24.81 -3.45 9.44
C VAL A 110 -23.95 -2.95 8.28
N ASP A 111 -24.35 -1.81 7.71
CA ASP A 111 -23.58 -1.14 6.67
C ASP A 111 -22.45 -0.34 7.30
N ALA A 112 -21.24 -0.50 6.75
CA ALA A 112 -20.04 0.06 7.39
C ALA A 112 -20.10 1.58 7.42
N LYS A 113 -20.56 2.22 6.34
CA LYS A 113 -20.62 3.67 6.31
C LYS A 113 -21.52 4.19 7.42
N THR A 114 -22.69 3.57 7.58
CA THR A 114 -23.55 3.91 8.72
C THR A 114 -22.83 3.66 10.03
N LYS A 115 -22.17 2.52 10.17
CA LYS A 115 -21.44 2.24 11.40
C LYS A 115 -20.45 3.36 11.69
N TYR A 116 -19.60 3.69 10.73
CA TYR A 116 -18.46 4.55 11.02
C TYR A 116 -18.73 6.04 10.82
N THR A 117 -19.93 6.44 10.40
CA THR A 117 -20.31 7.83 10.45
C THR A 117 -21.42 8.10 11.48
N SER A 118 -21.82 7.10 12.24
CA SER A 118 -22.84 7.30 13.27
C SER A 118 -22.33 8.26 14.35
N PRO A 119 -23.24 8.77 15.19
CA PRO A 119 -22.78 9.59 16.34
C PRO A 119 -21.86 8.85 17.29
N VAL A 120 -22.21 7.63 17.71
CA VAL A 120 -21.34 6.91 18.65
C VAL A 120 -19.96 6.71 18.04
N ALA A 121 -19.89 6.44 16.73
CA ALA A 121 -18.60 6.25 16.10
C ALA A 121 -17.79 7.54 16.05
N LYS A 122 -18.48 8.66 15.83
CA LYS A 122 -17.76 9.93 15.72
C LYS A 122 -17.29 10.41 17.08
N LYS A 123 -18.10 10.20 18.14
CA LYS A 123 -17.65 10.47 19.50
C LYS A 123 -16.47 9.57 19.91
N TYR A 124 -16.45 8.32 19.44
CA TYR A 124 -15.36 7.43 19.80
C TYR A 124 -14.05 7.89 19.18
N LYS A 125 -14.07 8.24 17.89
CA LYS A 125 -12.85 8.74 17.27
C LYS A 125 -12.31 9.98 17.99
N ILE A 126 -13.20 10.89 18.39
CA ILE A 126 -12.77 12.05 19.18
C ILE A 126 -12.19 11.59 20.51
N HIS A 127 -12.86 10.65 21.19
CA HIS A 127 -12.36 10.10 22.43
C HIS A 127 -10.97 9.50 22.25
N LEU A 128 -10.76 8.74 21.17
CA LEU A 128 -9.47 8.10 20.95
C LEU A 128 -8.43 9.14 20.54
N ASP A 129 -8.82 10.12 19.72
CA ASP A 129 -7.93 11.21 19.31
C ASP A 129 -7.35 11.95 20.51
N LYS A 130 -8.18 12.24 21.51
CA LYS A 130 -7.67 12.87 22.72
C LYS A 130 -6.65 11.99 23.42
N LYS A 131 -6.93 10.69 23.49
CA LYS A 131 -5.97 9.83 24.16
C LYS A 131 -4.66 9.77 23.38
N VAL A 132 -4.75 9.89 22.06
CA VAL A 132 -3.57 9.82 21.21
C VAL A 132 -2.78 11.12 21.31
N GLN A 133 -3.47 12.24 21.41
CA GLN A 133 -2.81 13.52 21.57
C GLN A 133 -2.09 13.59 22.91
N LYS A 134 -2.74 13.10 23.97
CA LYS A 134 -2.07 13.05 25.27
C LYS A 134 -0.83 12.18 25.20
N ASP A 135 -0.89 11.07 24.46
CA ASP A 135 0.25 10.18 24.39
C ASP A 135 1.38 10.81 23.57
N MET A 136 1.04 11.59 22.55
CA MET A 136 2.05 12.32 21.78
C MET A 136 2.74 13.37 22.61
N GLU A 137 2.03 13.94 23.59
CA GLU A 137 2.66 14.97 24.39
C GLU A 137 3.57 14.37 25.45
N LEU A 138 3.11 13.30 26.12
CA LEU A 138 3.93 12.62 27.11
C LEU A 138 5.09 11.87 26.46
N TYR A 139 4.87 11.30 25.27
CA TYR A 139 5.85 10.41 24.63
C TYR A 139 6.06 10.83 23.18
N PRO A 140 6.74 11.96 22.95
CA PRO A 140 6.68 12.59 21.61
C PRO A 140 7.36 11.80 20.50
N SER A 141 8.36 10.97 20.80
CA SER A 141 9.13 10.35 19.73
C SER A 141 9.21 8.86 19.84
N GLU A 142 8.50 8.24 20.79
CA GLU A 142 8.67 6.82 21.03
C GLU A 142 7.35 6.24 21.50
N LEU A 143 7.20 4.95 21.27
CA LEU A 143 5.98 4.23 21.64
C LEU A 143 6.27 3.42 22.89
N VAL A 144 5.74 3.87 24.02
CA VAL A 144 6.03 3.26 25.32
C VAL A 144 4.82 2.44 25.74
N LEU A 145 5.03 1.14 25.94
CA LEU A 145 3.97 0.25 26.43
C LEU A 145 3.99 0.24 27.95
N ASN A 146 3.15 1.09 28.55
CA ASN A 146 2.98 1.19 30.01
C ASN A 146 4.27 1.53 30.74
N GLU B 7 -20.62 16.50 16.74
CA GLU B 7 -21.60 16.80 17.79
C GLU B 7 -21.01 17.74 18.84
N THR B 8 -19.68 17.87 18.87
CA THR B 8 -19.00 18.83 19.72
C THR B 8 -18.24 19.82 18.84
N PHE B 9 -18.36 21.10 19.15
CA PHE B 9 -18.03 22.14 18.19
C PHE B 9 -16.90 23.04 18.66
N ALA B 10 -16.14 23.54 17.70
CA ALA B 10 -15.15 24.56 18.00
C ALA B 10 -15.86 25.85 18.44
N THR B 11 -15.15 26.63 19.23
CA THR B 11 -15.73 27.86 19.74
C THR B 11 -15.82 28.91 18.63
N GLU B 12 -16.64 29.93 18.89
CA GLU B 12 -16.82 30.98 17.88
C GLU B 12 -15.49 31.63 17.53
N GLN B 13 -14.69 31.95 18.55
CA GLN B 13 -13.39 32.58 18.35
C GLN B 13 -12.50 31.74 17.44
N THR B 14 -12.38 30.44 17.73
CA THR B 14 -11.57 29.58 16.85
C THR B 14 -12.08 29.59 15.41
N THR B 15 -13.40 29.51 15.23
CA THR B 15 -13.96 29.57 13.88
C THR B 15 -13.59 30.88 13.21
N GLN B 16 -13.77 31.99 13.92
CA GLN B 16 -13.43 33.30 13.38
C GLN B 16 -11.96 33.41 13.00
N GLN B 17 -11.07 32.83 13.81
CA GLN B 17 -9.64 32.93 13.48
C GLN B 17 -9.34 32.22 12.17
N VAL B 18 -9.98 31.06 11.95
CA VAL B 18 -9.72 30.30 10.73
C VAL B 18 -10.09 31.12 9.50
N PHE B 19 -11.28 31.68 9.49
CA PHE B 19 -11.73 32.44 8.32
C PHE B 19 -11.06 33.80 8.24
N GLN B 20 -10.64 34.37 9.37
CA GLN B 20 -9.85 35.60 9.32
C GLN B 20 -8.52 35.40 8.61
N LYS B 21 -7.87 34.27 8.85
CA LYS B 21 -6.59 34.00 8.20
C LYS B 21 -6.77 33.71 6.70
N LEU B 22 -7.87 33.05 6.33
CA LEU B 22 -8.13 32.84 4.91
C LEU B 22 -8.30 34.17 4.19
N GLY B 23 -8.90 35.16 4.86
CA GLY B 23 -9.15 36.46 4.28
C GLY B 23 -7.90 37.28 4.02
N SER B 24 -6.75 36.86 4.56
CA SER B 24 -5.51 37.56 4.27
C SER B 24 -5.05 37.36 2.83
N ASN B 25 -5.61 36.38 2.13
CA ASN B 25 -5.31 36.14 0.74
C ASN B 25 -6.47 36.69 -0.08
N MET B 26 -6.16 37.54 -1.06
CA MET B 26 -7.21 38.18 -1.85
C MET B 26 -8.15 37.16 -2.52
N GLU B 27 -7.64 35.98 -2.92
CA GLU B 27 -8.48 34.96 -3.54
C GLU B 27 -9.66 34.58 -2.67
N ASN B 28 -9.51 34.72 -1.35
CA ASN B 28 -10.55 34.35 -0.41
C ASN B 28 -11.50 35.49 -0.08
N ARG B 29 -11.21 36.69 -0.57
CA ARG B 29 -12.18 37.78 -0.42
C ARG B 29 -13.17 37.86 -1.58
N VAL B 30 -13.18 36.88 -2.49
CA VAL B 30 -14.13 36.88 -3.59
C VAL B 30 -14.69 35.47 -3.75
N CYS B 31 -15.95 35.39 -4.21
CA CYS B 31 -16.60 34.09 -4.35
C CYS B 31 -15.82 33.24 -5.34
N PHE B 32 -15.66 31.94 -5.01
CA PHE B 32 -14.88 31.06 -5.88
C PHE B 32 -15.58 30.81 -7.22
N ASP B 33 -16.91 30.92 -7.25
CA ASP B 33 -17.63 30.66 -8.50
C ASP B 33 -17.90 31.92 -9.30
N CYS B 34 -18.33 33.01 -8.66
CA CYS B 34 -18.84 34.17 -9.39
C CYS B 34 -18.11 35.47 -9.13
N GLY B 35 -17.19 35.52 -8.17
CA GLY B 35 -16.45 36.74 -7.94
C GLY B 35 -17.16 37.86 -7.18
N ASN B 36 -18.40 37.69 -6.74
CA ASN B 36 -18.94 38.63 -5.76
C ASN B 36 -18.01 38.73 -4.57
N LYS B 37 -18.04 39.89 -3.92
CA LYS B 37 -17.14 40.24 -2.83
C LYS B 37 -17.62 39.75 -1.48
N ASN B 38 -16.66 39.54 -0.58
CA ASN B 38 -16.89 39.12 0.81
C ASN B 38 -17.78 37.88 0.90
N PRO B 39 -17.36 36.76 0.34
CA PRO B 39 -18.12 35.51 0.51
C PRO B 39 -18.06 35.01 1.94
N THR B 40 -19.23 34.75 2.53
CA THR B 40 -19.33 34.21 3.88
C THR B 40 -19.88 32.79 3.92
N TRP B 41 -20.27 32.24 2.78
CA TRP B 41 -20.75 30.87 2.74
C TRP B 41 -19.64 29.96 2.25
N THR B 42 -19.82 28.67 2.44
CA THR B 42 -18.76 27.75 2.02
C THR B 42 -19.33 26.47 1.42
N SER B 43 -18.55 25.84 0.55
CA SER B 43 -18.77 24.45 0.16
C SER B 43 -17.76 23.62 0.92
N VAL B 44 -18.24 22.80 1.84
CA VAL B 44 -17.33 22.18 2.82
C VAL B 44 -16.42 21.12 2.20
N PRO B 45 -16.92 20.22 1.35
CA PRO B 45 -15.99 19.24 0.75
C PRO B 45 -14.85 19.84 -0.04
N PHE B 46 -15.07 20.99 -0.68
CA PHE B 46 -14.04 21.59 -1.54
C PHE B 46 -13.26 22.69 -0.85
N GLY B 47 -13.63 23.07 0.37
CA GLY B 47 -12.90 24.08 1.12
C GLY B 47 -12.89 25.43 0.44
N VAL B 48 -13.99 25.83 -0.21
CA VAL B 48 -14.02 27.09 -0.94
C VAL B 48 -15.07 28.01 -0.35
N MET B 49 -14.84 29.32 -0.51
CA MET B 49 -15.71 30.37 0.00
C MET B 49 -16.66 30.79 -1.10
N LEU B 50 -17.94 30.92 -0.76
CA LEU B 50 -19.01 31.20 -1.72
C LEU B 50 -19.84 32.38 -1.24
N CYS B 51 -20.41 33.12 -2.20
CA CYS B 51 -21.35 34.19 -1.87
C CYS B 51 -22.74 33.61 -1.62
N ILE B 52 -23.69 34.48 -1.29
CA ILE B 52 -25.02 33.99 -0.92
C ILE B 52 -25.69 33.32 -2.11
N GLN B 53 -25.62 33.94 -3.30
CA GLN B 53 -26.26 33.38 -4.48
C GLN B 53 -25.65 32.04 -4.87
N CYS B 54 -24.32 31.91 -4.80
CA CYS B 54 -23.73 30.62 -5.18
C CYS B 54 -23.91 29.57 -4.10
N SER B 55 -24.08 29.95 -2.84
CA SER B 55 -24.45 28.96 -1.83
C SER B 55 -25.79 28.33 -2.16
N ALA B 56 -26.72 29.13 -2.70
CA ALA B 56 -28.02 28.58 -3.10
C ALA B 56 -27.87 27.67 -4.31
N VAL B 57 -27.02 28.05 -5.27
CA VAL B 57 -26.70 27.13 -6.36
C VAL B 57 -26.17 25.81 -5.80
N HIS B 58 -25.36 25.86 -4.75
CA HIS B 58 -24.76 24.63 -4.24
C HIS B 58 -25.78 23.75 -3.51
N ARG B 59 -26.72 24.34 -2.78
CA ARG B 59 -27.79 23.52 -2.21
C ARG B 59 -28.61 22.83 -3.30
N ASN B 60 -28.80 23.48 -4.45
CA ASN B 60 -29.56 22.85 -5.50
C ASN B 60 -28.82 21.63 -6.07
N MET B 61 -27.48 21.61 -5.99
CA MET B 61 -26.72 20.47 -6.52
C MET B 61 -26.96 19.19 -5.74
N GLY B 62 -27.20 19.29 -4.44
CA GLY B 62 -27.47 18.11 -3.63
C GLY B 62 -26.22 17.62 -2.90
N VAL B 63 -26.46 16.78 -1.88
CA VAL B 63 -25.37 16.33 -1.01
C VAL B 63 -24.42 15.38 -1.70
N HIS B 64 -24.84 14.75 -2.81
CA HIS B 64 -23.94 13.84 -3.51
C HIS B 64 -22.72 14.54 -4.08
N ILE B 65 -22.75 15.87 -4.20
CA ILE B 65 -21.68 16.64 -4.82
C ILE B 65 -21.00 17.55 -3.80
N THR B 66 -21.79 18.31 -3.04
CA THR B 66 -21.23 19.23 -2.05
C THR B 66 -22.27 19.47 -0.96
N PHE B 67 -21.85 20.16 0.10
CA PHE B 67 -22.83 20.69 1.04
C PHE B 67 -22.32 22.00 1.59
N VAL B 68 -23.24 22.82 2.06
CA VAL B 68 -23.01 24.24 2.29
C VAL B 68 -23.03 24.50 3.80
N LYS B 69 -22.14 25.37 4.24
CA LYS B 69 -22.21 25.84 5.62
C LYS B 69 -21.80 27.30 5.63
N SER B 70 -22.45 28.07 6.49
CA SER B 70 -22.11 29.47 6.64
C SER B 70 -20.96 29.57 7.61
N SER B 71 -19.96 30.38 7.26
CA SER B 71 -18.84 30.61 8.17
C SER B 71 -19.26 31.31 9.46
N THR B 72 -20.45 31.92 9.51
CA THR B 72 -20.92 32.62 10.71
C THR B 72 -22.24 32.11 11.29
N LEU B 73 -23.12 31.51 10.49
CA LEU B 73 -24.43 31.06 10.98
C LEU B 73 -24.41 29.67 11.60
N ASP B 74 -23.45 28.85 11.23
CA ASP B 74 -23.43 27.44 11.60
C ASP B 74 -22.27 27.17 12.54
N LYS B 75 -22.47 26.20 13.44
CA LYS B 75 -21.38 25.65 14.24
C LYS B 75 -20.43 24.87 13.34
N TRP B 76 -19.17 24.85 13.73
CA TRP B 76 -18.16 24.16 12.95
C TRP B 76 -17.40 23.20 13.85
N THR B 77 -17.29 21.95 13.41
CA THR B 77 -16.41 20.99 14.05
C THR B 77 -14.95 21.31 13.72
N ILE B 78 -14.06 20.75 14.53
CA ILE B 78 -12.63 20.87 14.25
C ILE B 78 -12.31 20.31 12.87
N ASN B 79 -12.77 19.09 12.59
CA ASN B 79 -12.40 18.43 11.34
C ASN B 79 -12.89 19.21 10.12
N ASN B 80 -14.05 19.87 10.23
CA ASN B 80 -14.52 20.71 9.12
C ASN B 80 -13.70 21.98 8.99
N LEU B 81 -13.27 22.56 10.12
CA LEU B 81 -12.36 23.69 10.06
C LEU B 81 -11.01 23.33 9.46
N ARG B 82 -10.53 22.10 9.67
CA ARG B 82 -9.26 21.71 9.06
C ARG B 82 -9.27 21.90 7.55
N ARG B 83 -10.42 21.70 6.90
CA ARG B 83 -10.51 21.85 5.46
C ARG B 83 -10.30 23.28 5.06
N PHE B 84 -10.52 24.21 5.98
CA PHE B 84 -10.37 25.60 5.62
C PHE B 84 -9.05 26.18 6.11
N LYS B 85 -8.46 25.56 7.14
CA LYS B 85 -7.04 25.78 7.41
C LYS B 85 -6.19 25.33 6.21
N LEU B 86 -6.52 24.19 5.62
CA LEU B 86 -5.69 23.59 4.58
C LEU B 86 -6.17 23.89 3.15
N GLY B 87 -7.36 24.47 3.00
CA GLY B 87 -7.93 24.70 1.70
C GLY B 87 -8.08 26.16 1.38
N GLY B 88 -9.31 26.64 1.18
CA GLY B 88 -9.51 28.01 0.75
C GLY B 88 -9.47 28.12 -0.76
N ASN B 89 -9.75 29.34 -1.25
CA ASN B 89 -9.89 29.55 -2.69
C ASN B 89 -8.55 29.56 -3.38
N HIS B 90 -7.51 30.00 -2.68
CA HIS B 90 -6.17 30.05 -3.25
C HIS B 90 -5.61 28.65 -3.48
N LYS B 91 -5.77 27.74 -2.51
CA LYS B 91 -5.35 26.36 -2.70
C LYS B 91 -6.15 25.65 -3.79
N ALA B 92 -7.47 25.85 -3.80
CA ALA B 92 -8.28 25.28 -4.88
C ALA B 92 -7.87 25.86 -6.23
N ARG B 93 -7.74 27.18 -6.33
CA ARG B 93 -7.35 27.78 -7.61
C ARG B 93 -6.02 27.23 -8.10
N ASP B 94 -5.06 27.04 -7.19
CA ASP B 94 -3.73 26.63 -7.63
C ASP B 94 -3.73 25.19 -8.12
N PHE B 95 -4.53 24.33 -7.48
CA PHE B 95 -4.60 22.95 -7.94
C PHE B 95 -5.25 22.86 -9.33
N PHE B 96 -6.36 23.57 -9.52
CA PHE B 96 -7.01 23.60 -10.82
C PHE B 96 -6.06 24.12 -11.91
N LEU B 97 -5.21 25.09 -11.56
CA LEU B 97 -4.27 25.64 -12.56
C LEU B 97 -3.21 24.64 -12.96
N LYS B 98 -2.80 23.75 -12.05
CA LYS B 98 -1.78 22.77 -12.34
C LYS B 98 -2.32 21.51 -13.01
N ASN B 99 -3.61 21.27 -12.91
CA ASN B 99 -4.22 20.04 -13.39
C ASN B 99 -5.18 20.30 -14.54
N ASN B 100 -4.84 21.27 -15.39
CA ASN B 100 -5.57 21.53 -16.64
C ASN B 100 -7.06 21.77 -16.37
N GLY B 101 -7.32 22.68 -15.44
CA GLY B 101 -8.67 23.02 -15.04
C GLY B 101 -8.91 24.52 -15.10
N LYS B 102 -8.14 25.21 -15.93
CA LYS B 102 -8.26 26.66 -16.05
C LYS B 102 -9.66 27.07 -16.48
N GLN B 103 -10.26 26.32 -17.41
CA GLN B 103 -11.53 26.77 -18.01
C GLN B 103 -12.62 26.83 -16.95
N LEU B 104 -12.60 25.89 -15.99
CA LEU B 104 -13.60 25.83 -14.93
C LEU B 104 -13.54 27.01 -13.97
N LEU B 105 -12.41 27.73 -13.92
CA LEU B 105 -12.29 28.85 -13.02
C LEU B 105 -13.01 30.11 -13.50
N ASN B 106 -13.43 30.18 -14.76
CA ASN B 106 -14.08 31.39 -15.24
C ASN B 106 -15.32 31.70 -14.40
N THR B 107 -15.56 32.99 -14.18
CA THR B 107 -16.67 33.40 -13.33
C THR B 107 -17.90 33.77 -14.11
N ALA B 108 -17.86 33.69 -15.43
CA ALA B 108 -19.02 33.95 -16.28
C ALA B 108 -19.57 32.65 -16.83
N ASN B 109 -20.89 32.51 -16.80
CA ASN B 109 -21.57 31.30 -17.25
C ASN B 109 -21.02 30.06 -16.53
N VAL B 110 -20.93 30.17 -15.21
CA VAL B 110 -20.52 29.04 -14.36
C VAL B 110 -21.65 28.02 -14.39
N ASP B 111 -21.42 26.88 -15.04
CA ASP B 111 -22.30 25.72 -14.87
C ASP B 111 -21.72 24.93 -13.70
N ALA B 112 -22.25 25.20 -12.50
CA ALA B 112 -21.60 24.75 -11.28
C ALA B 112 -21.61 23.23 -11.16
N LYS B 113 -22.69 22.58 -11.59
CA LYS B 113 -22.72 21.13 -11.52
C LYS B 113 -21.59 20.53 -12.35
N THR B 114 -21.40 21.05 -13.56
CA THR B 114 -20.26 20.64 -14.38
C THR B 114 -18.94 20.89 -13.66
N LYS B 115 -18.79 22.05 -13.04
CA LYS B 115 -17.51 22.36 -12.41
C LYS B 115 -17.15 21.36 -11.32
N TYR B 116 -18.09 21.06 -10.42
CA TYR B 116 -17.76 20.25 -9.25
C TYR B 116 -17.89 18.76 -9.48
N THR B 117 -18.37 18.30 -10.64
CA THR B 117 -18.29 16.90 -11.00
C THR B 117 -17.19 16.64 -12.03
N SER B 118 -16.35 17.64 -12.29
CA SER B 118 -15.28 17.49 -13.27
C SER B 118 -14.22 16.52 -12.75
N PRO B 119 -13.34 16.03 -13.64
CA PRO B 119 -12.26 15.16 -13.16
C PRO B 119 -11.31 15.87 -12.21
N VAL B 120 -10.99 17.13 -12.50
CA VAL B 120 -10.10 17.87 -11.63
C VAL B 120 -10.76 18.18 -10.28
N ALA B 121 -12.08 18.39 -10.27
CA ALA B 121 -12.77 18.64 -9.00
C ALA B 121 -12.74 17.42 -8.09
N LYS B 122 -13.00 16.24 -8.66
CA LYS B 122 -12.93 15.01 -7.87
C LYS B 122 -11.51 14.75 -7.40
N LYS B 123 -10.52 15.07 -8.25
CA LYS B 123 -9.14 14.89 -7.86
C LYS B 123 -8.76 15.84 -6.73
N TYR B 124 -9.22 17.10 -6.81
CA TYR B 124 -8.90 18.04 -5.76
C TYR B 124 -9.58 17.65 -4.46
N LYS B 125 -10.83 17.17 -4.54
CA LYS B 125 -11.51 16.74 -3.32
C LYS B 125 -10.73 15.65 -2.61
N ILE B 126 -10.24 14.66 -3.36
CA ILE B 126 -9.41 13.62 -2.77
C ILE B 126 -8.11 14.20 -2.25
N HIS B 127 -7.52 15.11 -3.01
CA HIS B 127 -6.27 15.77 -2.63
C HIS B 127 -6.39 16.44 -1.27
N LEU B 128 -7.46 17.22 -1.07
CA LEU B 128 -7.72 17.86 0.21
C LEU B 128 -8.04 16.84 1.31
N ASP B 129 -8.72 15.73 0.96
CA ASP B 129 -8.98 14.69 1.95
C ASP B 129 -7.68 14.12 2.51
N LYS B 130 -6.67 13.98 1.66
CA LYS B 130 -5.36 13.50 2.12
C LYS B 130 -4.64 14.54 2.98
N LYS B 131 -4.78 15.83 2.66
CA LYS B 131 -4.14 16.84 3.49
C LYS B 131 -4.80 16.92 4.86
N VAL B 132 -6.13 16.86 4.93
CA VAL B 132 -6.80 16.76 6.22
C VAL B 132 -6.32 15.53 6.98
N GLN B 133 -6.13 14.42 6.27
CA GLN B 133 -5.68 13.22 6.96
C GLN B 133 -4.27 13.42 7.54
N LYS B 134 -3.36 14.01 6.76
CA LYS B 134 -2.05 14.31 7.33
C LYS B 134 -2.19 15.24 8.52
N ASP B 135 -3.06 16.22 8.42
CA ASP B 135 -3.26 17.14 9.53
C ASP B 135 -3.72 16.40 10.79
N MET B 136 -4.65 15.44 10.64
CA MET B 136 -5.14 14.73 11.83
C MET B 136 -4.08 13.82 12.44
N GLU B 137 -3.17 13.29 11.64
CA GLU B 137 -2.03 12.56 12.20
C GLU B 137 -1.20 13.46 13.11
N LEU B 138 -0.91 14.69 12.69
CA LEU B 138 -0.01 15.55 13.45
C LEU B 138 -0.71 16.27 14.59
N TYR B 139 -1.98 16.59 14.42
CA TYR B 139 -2.78 17.29 15.42
C TYR B 139 -4.10 16.56 15.60
N PRO B 140 -4.09 15.42 16.30
CA PRO B 140 -5.32 14.62 16.42
C PRO B 140 -6.52 15.37 16.97
N SER B 141 -6.33 16.21 17.98
CA SER B 141 -7.46 16.85 18.63
C SER B 141 -7.56 18.34 18.39
N GLU B 142 -6.46 19.02 18.11
CA GLU B 142 -6.45 20.46 18.06
C GLU B 142 -6.45 20.96 16.62
N LEU B 143 -7.00 22.15 16.43
CA LEU B 143 -6.90 22.86 15.16
C LEU B 143 -5.83 23.93 15.33
N VAL B 144 -4.66 23.70 14.75
CA VAL B 144 -3.49 24.52 15.00
C VAL B 144 -3.33 25.48 13.83
N LEU B 145 -3.24 26.77 14.17
CA LEU B 145 -3.12 27.85 13.18
C LEU B 145 -4.39 27.98 12.33
N GLU C 7 24.03 -16.74 -2.20
CA GLU C 7 23.54 -17.98 -2.77
C GLU C 7 24.49 -18.49 -3.85
N THR C 8 23.93 -19.20 -4.81
CA THR C 8 24.68 -19.60 -5.99
C THR C 8 24.82 -18.39 -6.91
N PHE C 9 26.04 -18.13 -7.35
CA PHE C 9 26.30 -16.98 -8.21
C PHE C 9 26.45 -17.45 -9.65
N ALA C 10 25.93 -16.64 -10.57
CA ALA C 10 26.25 -16.81 -11.98
C ALA C 10 27.75 -16.67 -12.20
N THR C 11 28.24 -17.35 -13.24
CA THR C 11 29.63 -17.25 -13.63
C THR C 11 30.00 -15.82 -14.03
N GLU C 12 31.30 -15.53 -13.95
CA GLU C 12 31.82 -14.28 -14.49
C GLU C 12 31.42 -14.11 -15.96
N GLN C 13 31.52 -15.19 -16.75
CA GLN C 13 31.17 -15.12 -18.16
C GLN C 13 29.72 -14.67 -18.35
N THR C 14 28.79 -15.28 -17.60
CA THR C 14 27.38 -14.93 -17.76
C THR C 14 27.10 -13.51 -17.29
N THR C 15 27.77 -13.06 -16.22
CA THR C 15 27.59 -11.69 -15.73
C THR C 15 28.08 -10.66 -16.75
N GLN C 16 29.25 -10.89 -17.34
CA GLN C 16 29.78 -9.96 -18.33
C GLN C 16 28.89 -9.92 -19.58
N GLN C 17 28.31 -11.06 -19.95
CA GLN C 17 27.44 -11.10 -21.12
C GLN C 17 26.22 -10.20 -20.94
N VAL C 18 25.72 -10.09 -19.72
CA VAL C 18 24.52 -9.29 -19.45
C VAL C 18 24.82 -7.80 -19.55
N PHE C 19 25.90 -7.36 -18.92
CA PHE C 19 26.24 -5.94 -18.98
C PHE C 19 26.90 -5.54 -20.29
N GLN C 20 27.44 -6.49 -21.05
CA GLN C 20 27.87 -6.17 -22.41
C GLN C 20 26.67 -5.87 -23.30
N LYS C 21 25.58 -6.62 -23.11
CA LYS C 21 24.40 -6.41 -23.95
C LYS C 21 23.72 -5.09 -23.61
N LEU C 22 23.59 -4.78 -22.32
CA LEU C 22 23.08 -3.47 -21.92
C LEU C 22 23.93 -2.34 -22.45
N GLY C 23 25.24 -2.55 -22.56
CA GLY C 23 26.16 -1.51 -22.98
C GLY C 23 26.07 -1.18 -24.45
N SER C 24 25.39 -2.02 -25.23
CA SER C 24 25.11 -1.72 -26.63
C SER C 24 24.19 -0.52 -26.80
N ASN C 25 23.43 -0.15 -25.77
CA ASN C 25 22.48 0.97 -25.82
C ASN C 25 23.07 2.16 -25.07
N MET C 26 23.16 3.30 -25.76
CA MET C 26 23.84 4.48 -25.22
C MET C 26 23.25 4.96 -23.91
N GLU C 27 21.93 4.79 -23.73
CA GLU C 27 21.28 5.16 -22.49
C GLU C 27 21.92 4.49 -21.28
N ASN C 28 22.45 3.27 -21.46
CA ASN C 28 23.08 2.56 -20.35
C ASN C 28 24.53 2.97 -20.14
N ARG C 29 25.12 3.77 -21.02
CA ARG C 29 26.48 4.20 -20.81
C ARG C 29 26.56 5.59 -20.20
N VAL C 30 25.45 6.08 -19.67
CA VAL C 30 25.42 7.28 -18.85
C VAL C 30 24.62 6.95 -17.61
N CYS C 31 24.97 7.59 -16.50
CA CYS C 31 24.29 7.41 -15.22
C CYS C 31 22.80 7.74 -15.34
N PHE C 32 21.97 6.97 -14.64
CA PHE C 32 20.53 7.21 -14.69
C PHE C 32 20.12 8.45 -13.92
N ASP C 33 20.98 8.94 -13.00
CA ASP C 33 20.66 10.09 -12.15
C ASP C 33 21.41 11.37 -12.48
N CYS C 34 22.54 11.30 -13.18
CA CYS C 34 23.23 12.54 -13.49
C CYS C 34 23.94 12.57 -14.83
N GLY C 35 23.82 11.53 -15.67
CA GLY C 35 24.66 11.48 -16.86
C GLY C 35 26.16 11.74 -16.67
N ASN C 36 26.74 11.25 -15.57
CA ASN C 36 28.14 10.89 -15.62
C ASN C 36 28.28 9.69 -16.55
N LYS C 37 29.41 9.59 -17.23
CA LYS C 37 29.61 8.59 -18.26
C LYS C 37 30.11 7.26 -17.66
N ASN C 38 29.83 6.17 -18.37
CA ASN C 38 30.34 4.83 -18.14
C ASN C 38 30.06 4.37 -16.72
N PRO C 39 28.81 4.23 -16.33
CA PRO C 39 28.48 3.86 -14.95
C PRO C 39 28.60 2.36 -14.78
N THR C 40 29.31 1.94 -13.73
CA THR C 40 29.48 0.52 -13.45
C THR C 40 28.78 0.07 -12.19
N TRP C 41 28.19 0.98 -11.43
CA TRP C 41 27.38 0.60 -10.28
C TRP C 41 25.93 0.47 -10.70
N THR C 42 25.13 -0.10 -9.80
CA THR C 42 23.75 -0.41 -10.12
C THR C 42 22.87 -0.17 -8.90
N SER C 43 21.62 0.19 -9.15
CA SER C 43 20.53 0.00 -8.18
C SER C 43 19.78 -1.26 -8.61
N VAL C 44 19.89 -2.32 -7.82
CA VAL C 44 19.33 -3.61 -8.22
C VAL C 44 17.81 -3.57 -8.32
N PRO C 45 17.06 -3.05 -7.34
CA PRO C 45 15.59 -3.12 -7.46
C PRO C 45 15.03 -2.39 -8.68
N PHE C 46 15.70 -1.36 -9.20
CA PHE C 46 15.18 -0.63 -10.35
C PHE C 46 15.90 -0.96 -11.65
N GLY C 47 16.92 -1.82 -11.61
CA GLY C 47 17.57 -2.26 -12.83
C GLY C 47 18.36 -1.19 -13.54
N VAL C 48 18.92 -0.22 -12.81
CA VAL C 48 19.53 0.93 -13.47
C VAL C 48 21.02 1.00 -13.15
N MET C 49 21.75 1.67 -14.03
CA MET C 49 23.20 1.84 -13.96
C MET C 49 23.53 3.19 -13.33
N LEU C 50 24.38 3.19 -12.31
CA LEU C 50 24.74 4.44 -11.62
C LEU C 50 26.25 4.69 -11.66
N CYS C 51 26.63 5.96 -11.66
CA CYS C 51 28.03 6.29 -11.47
C CYS C 51 28.42 6.14 -10.00
N ILE C 52 29.72 6.29 -9.73
CA ILE C 52 30.24 6.11 -8.38
C ILE C 52 29.60 7.12 -7.41
N GLN C 53 29.35 8.34 -7.88
CA GLN C 53 28.78 9.34 -6.98
C GLN C 53 27.35 9.01 -6.63
N CYS C 54 26.55 8.71 -7.65
CA CYS C 54 25.15 8.43 -7.39
C CYS C 54 24.98 7.11 -6.65
N SER C 55 25.94 6.19 -6.73
CA SER C 55 25.85 4.99 -5.92
C SER C 55 26.00 5.30 -4.43
N ALA C 56 26.84 6.28 -4.07
CA ALA C 56 26.96 6.65 -2.67
C ALA C 56 25.70 7.35 -2.17
N VAL C 57 24.96 8.03 -3.06
CA VAL C 57 23.69 8.61 -2.67
C VAL C 57 22.66 7.50 -2.42
N HIS C 58 22.64 6.49 -3.28
CA HIS C 58 21.71 5.38 -3.13
C HIS C 58 22.01 4.56 -1.87
N ARG C 59 23.29 4.38 -1.53
CA ARG C 59 23.62 3.65 -0.31
C ARG C 59 23.03 4.29 0.94
N ASN C 60 22.96 5.62 0.96
CA ASN C 60 22.43 6.30 2.13
C ASN C 60 20.92 6.36 2.16
N MET C 61 20.25 6.06 1.04
CA MET C 61 18.78 6.09 1.03
C MET C 61 18.20 5.02 1.93
N GLY C 62 18.83 3.85 1.98
CA GLY C 62 18.30 2.75 2.77
C GLY C 62 17.88 1.56 1.95
N VAL C 63 18.22 0.36 2.43
CA VAL C 63 17.88 -0.87 1.72
C VAL C 63 16.38 -1.02 1.57
N HIS C 64 15.60 -0.31 2.39
CA HIS C 64 14.15 -0.25 2.18
C HIS C 64 13.81 0.13 0.75
N ILE C 65 14.55 1.08 0.17
CA ILE C 65 14.24 1.63 -1.15
C ILE C 65 15.15 1.05 -2.21
N THR C 66 16.46 1.24 -2.04
CA THR C 66 17.42 0.87 -3.07
C THR C 66 18.58 0.16 -2.41
N PHE C 67 19.25 -0.70 -3.16
CA PHE C 67 20.54 -1.22 -2.73
C PHE C 67 21.44 -1.37 -3.95
N VAL C 68 22.74 -1.24 -3.69
CA VAL C 68 23.73 -0.94 -4.71
C VAL C 68 24.63 -2.15 -4.89
N LYS C 69 24.96 -2.46 -6.14
CA LYS C 69 25.95 -3.49 -6.41
C LYS C 69 26.76 -3.07 -7.62
N SER C 70 27.98 -3.58 -7.70
CA SER C 70 28.90 -3.26 -8.78
C SER C 70 28.77 -4.29 -9.88
N SER C 71 28.50 -3.82 -11.09
CA SER C 71 28.44 -4.70 -12.24
C SER C 71 29.77 -5.41 -12.49
N THR C 72 30.89 -4.78 -12.15
CA THR C 72 32.19 -5.37 -12.44
C THR C 72 32.89 -5.99 -11.25
N LEU C 73 32.66 -5.50 -10.04
CA LEU C 73 33.46 -5.91 -8.88
C LEU C 73 32.74 -6.86 -7.93
N ASP C 74 31.46 -7.15 -8.16
CA ASP C 74 30.68 -7.97 -7.23
C ASP C 74 30.17 -9.22 -7.94
N LYS C 75 29.97 -10.29 -7.17
CA LYS C 75 29.30 -11.48 -7.66
C LYS C 75 27.81 -11.21 -7.74
N TRP C 76 27.16 -11.86 -8.72
CA TRP C 76 25.77 -11.61 -9.06
C TRP C 76 25.02 -12.92 -9.07
N THR C 77 23.89 -12.98 -8.38
CA THR C 77 23.01 -14.14 -8.52
C THR C 77 22.23 -14.05 -9.81
N ILE C 78 21.76 -15.21 -10.29
CA ILE C 78 20.96 -15.26 -11.51
C ILE C 78 19.76 -14.34 -11.41
N ASN C 79 19.09 -14.31 -10.25
CA ASN C 79 17.84 -13.57 -10.17
C ASN C 79 18.07 -12.06 -10.18
N ASN C 80 19.18 -11.60 -9.61
CA ASN C 80 19.52 -10.19 -9.78
C ASN C 80 19.87 -9.88 -11.23
N LEU C 81 20.47 -10.83 -11.96
CA LEU C 81 20.81 -10.52 -13.35
C LEU C 81 19.57 -10.40 -14.21
N ARG C 82 18.48 -11.07 -13.82
CA ARG C 82 17.24 -10.96 -14.57
C ARG C 82 16.75 -9.53 -14.59
N ARG C 83 17.03 -8.77 -13.53
CA ARG C 83 16.57 -7.40 -13.46
C ARG C 83 17.29 -6.53 -14.47
N PHE C 84 18.51 -6.92 -14.87
CA PHE C 84 19.24 -6.17 -15.88
C PHE C 84 19.13 -6.76 -17.28
N LYS C 85 18.90 -8.07 -17.41
CA LYS C 85 18.40 -8.60 -18.68
C LYS C 85 17.14 -7.86 -19.11
N LEU C 86 16.24 -7.60 -18.16
CA LEU C 86 14.90 -7.09 -18.45
C LEU C 86 14.73 -5.61 -18.16
N GLY C 87 15.75 -4.97 -17.58
CA GLY C 87 15.68 -3.58 -17.21
C GLY C 87 16.76 -2.78 -17.92
N GLY C 88 17.61 -2.10 -17.17
CA GLY C 88 18.52 -1.16 -17.78
C GLY C 88 17.92 0.23 -17.85
N ASN C 89 18.75 1.19 -18.27
CA ASN C 89 18.35 2.60 -18.26
C ASN C 89 17.35 2.93 -19.36
N HIS C 90 17.52 2.33 -20.54
CA HIS C 90 16.56 2.56 -21.60
C HIS C 90 15.15 2.14 -21.19
N LYS C 91 15.00 0.90 -20.68
CA LYS C 91 13.69 0.43 -20.24
C LYS C 91 13.10 1.36 -19.17
N ALA C 92 13.90 1.72 -18.16
CA ALA C 92 13.40 2.57 -17.08
C ALA C 92 13.02 3.95 -17.61
N ARG C 93 13.85 4.52 -18.49
CA ARG C 93 13.56 5.84 -19.03
C ARG C 93 12.25 5.84 -19.81
N ASP C 94 12.02 4.79 -20.62
CA ASP C 94 10.79 4.75 -21.41
C ASP C 94 9.57 4.64 -20.52
N PHE C 95 9.67 3.90 -19.41
CA PHE C 95 8.51 3.77 -18.53
C PHE C 95 8.17 5.10 -17.89
N PHE C 96 9.20 5.83 -17.45
CA PHE C 96 8.99 7.14 -16.85
C PHE C 96 8.38 8.12 -17.85
N LEU C 97 8.75 8.03 -19.13
CA LEU C 97 8.16 8.91 -20.14
C LEU C 97 6.70 8.55 -20.41
N LYS C 98 6.39 7.25 -20.45
CA LYS C 98 5.02 6.83 -20.70
C LYS C 98 4.09 7.16 -19.53
N ASN C 99 4.64 7.42 -18.36
CA ASN C 99 3.86 7.54 -17.14
C ASN C 99 4.07 8.87 -16.43
N ASN C 100 4.30 9.93 -17.22
CA ASN C 100 4.48 11.30 -16.74
C ASN C 100 5.44 11.39 -15.55
N GLY C 101 6.59 10.73 -15.69
CA GLY C 101 7.70 10.92 -14.79
C GLY C 101 8.88 11.59 -15.50
N LYS C 102 8.57 12.45 -16.45
CA LYS C 102 9.62 13.08 -17.24
C LYS C 102 10.41 14.08 -16.41
N GLN C 103 9.78 14.68 -15.40
CA GLN C 103 10.43 15.67 -14.56
C GLN C 103 11.41 15.03 -13.58
N LEU C 104 11.36 13.72 -13.41
CA LEU C 104 12.24 12.99 -12.52
C LEU C 104 13.52 12.52 -13.20
N LEU C 105 13.60 12.61 -14.53
CA LEU C 105 14.78 12.18 -15.27
C LEU C 105 15.77 13.33 -15.52
N ASN C 106 15.45 14.54 -15.11
CA ASN C 106 16.40 15.63 -15.24
C ASN C 106 17.62 15.34 -14.38
N THR C 107 18.80 15.72 -14.87
CA THR C 107 20.02 15.39 -14.17
C THR C 107 20.29 16.28 -12.96
N ALA C 108 19.64 17.45 -12.89
CA ALA C 108 19.87 18.39 -11.82
C ALA C 108 18.56 18.77 -11.17
N ASN C 109 18.61 19.09 -9.88
CA ASN C 109 17.48 19.58 -9.11
C ASN C 109 16.38 18.53 -8.97
N VAL C 110 16.79 17.27 -8.90
CA VAL C 110 15.92 16.16 -8.58
C VAL C 110 16.52 15.50 -7.35
N ASP C 111 15.81 15.54 -6.23
CA ASP C 111 16.21 14.78 -5.06
C ASP C 111 16.02 13.28 -5.33
N ALA C 112 17.07 12.48 -5.09
CA ALA C 112 17.04 11.08 -5.46
C ALA C 112 16.00 10.30 -4.67
N LYS C 113 15.82 10.64 -3.39
CA LYS C 113 14.83 9.96 -2.56
C LYS C 113 13.42 10.23 -3.07
N THR C 114 13.17 11.44 -3.53
CA THR C 114 11.89 11.74 -4.18
C THR C 114 11.74 10.99 -5.49
N LYS C 115 12.80 10.90 -6.29
CA LYS C 115 12.71 10.20 -7.56
C LYS C 115 12.27 8.76 -7.38
N TYR C 116 12.94 8.05 -6.46
CA TYR C 116 12.80 6.61 -6.28
C TYR C 116 11.72 6.21 -5.28
N THR C 117 11.05 7.16 -4.63
CA THR C 117 9.84 6.87 -3.90
C THR C 117 8.61 7.49 -4.55
N SER C 118 8.76 8.09 -5.73
CA SER C 118 7.64 8.68 -6.43
C SER C 118 6.60 7.62 -6.81
N PRO C 119 5.37 8.04 -7.12
CA PRO C 119 4.39 7.07 -7.63
C PRO C 119 4.82 6.36 -8.90
N VAL C 120 5.59 6.98 -9.77
CA VAL C 120 6.00 6.26 -10.97
C VAL C 120 7.12 5.27 -10.65
N ALA C 121 8.07 5.65 -9.78
CA ALA C 121 9.15 4.73 -9.44
C ALA C 121 8.61 3.48 -8.76
N LYS C 122 7.65 3.63 -7.85
CA LYS C 122 7.06 2.46 -7.22
C LYS C 122 6.30 1.63 -8.24
N LYS C 123 5.70 2.29 -9.24
CA LYS C 123 5.01 1.54 -10.28
C LYS C 123 5.99 0.81 -11.18
N TYR C 124 7.12 1.45 -11.52
CA TYR C 124 8.09 0.77 -12.38
C TYR C 124 8.73 -0.41 -11.67
N LYS C 125 9.04 -0.28 -10.38
CA LYS C 125 9.59 -1.41 -9.64
C LYS C 125 8.65 -2.61 -9.69
N ILE C 126 7.33 -2.39 -9.56
CA ILE C 126 6.35 -3.46 -9.71
C ILE C 126 6.31 -3.96 -11.14
N HIS C 127 6.41 -3.04 -12.10
CA HIS C 127 6.46 -3.44 -13.51
C HIS C 127 7.69 -4.32 -13.76
N LEU C 128 8.86 -3.91 -13.29
CA LEU C 128 10.05 -4.74 -13.47
C LEU C 128 9.89 -6.08 -12.76
N ASP C 129 9.28 -6.07 -11.57
CA ASP C 129 9.04 -7.32 -10.84
C ASP C 129 8.14 -8.29 -11.62
N LYS C 130 7.09 -7.78 -12.29
CA LYS C 130 6.22 -8.68 -13.04
C LYS C 130 6.96 -9.28 -14.24
N LYS C 131 7.77 -8.49 -14.94
CA LYS C 131 8.59 -9.04 -16.01
C LYS C 131 9.55 -10.10 -15.48
N VAL C 132 10.15 -9.86 -14.31
CA VAL C 132 11.05 -10.85 -13.74
C VAL C 132 10.29 -12.16 -13.48
N GLN C 133 9.12 -12.06 -12.83
CA GLN C 133 8.28 -13.22 -12.58
C GLN C 133 7.99 -13.98 -13.86
N LYS C 134 7.68 -13.27 -14.93
CA LYS C 134 7.46 -13.92 -16.23
C LYS C 134 8.72 -14.63 -16.71
N ASP C 135 9.88 -13.97 -16.60
CA ASP C 135 11.11 -14.62 -17.03
C ASP C 135 11.35 -15.91 -16.24
N MET C 136 10.91 -15.96 -14.98
CA MET C 136 11.13 -17.16 -14.17
C MET C 136 10.21 -18.30 -14.58
N GLU C 137 8.99 -17.99 -15.08
CA GLU C 137 8.13 -19.06 -15.58
C GLU C 137 8.72 -19.69 -16.84
N LEU C 138 9.31 -18.88 -17.73
CA LEU C 138 9.92 -19.45 -18.93
C LEU C 138 11.24 -20.15 -18.60
N TYR C 139 12.06 -19.54 -17.75
CA TYR C 139 13.43 -19.99 -17.49
C TYR C 139 13.63 -20.10 -15.98
N PRO C 140 13.16 -21.18 -15.36
CA PRO C 140 13.14 -21.26 -13.88
C PRO C 140 14.49 -21.11 -13.19
N SER C 141 15.55 -21.71 -13.71
CA SER C 141 16.81 -21.63 -12.99
C SER C 141 17.96 -21.36 -13.94
N GLU C 142 17.77 -20.44 -14.88
CA GLU C 142 18.81 -20.16 -15.85
C GLU C 142 18.63 -18.75 -16.38
N LEU C 143 19.74 -18.11 -16.71
CA LEU C 143 19.70 -16.82 -17.37
C LEU C 143 19.89 -17.03 -18.87
N VAL C 144 18.89 -16.64 -19.66
CA VAL C 144 18.86 -16.88 -21.09
C VAL C 144 18.70 -15.55 -21.81
N LEU C 145 19.54 -15.32 -22.83
CA LEU C 145 19.61 -14.07 -23.57
C LEU C 145 18.95 -14.23 -24.94
N ASN C 146 17.79 -13.62 -25.10
CA ASN C 146 17.00 -13.75 -26.32
C ASN C 146 17.45 -12.73 -27.38
N THR D 8 -1.39 -22.63 -24.15
CA THR D 8 -0.36 -22.74 -23.13
C THR D 8 -0.98 -23.23 -21.81
N PHE D 9 -2.31 -23.33 -21.79
CA PHE D 9 -3.04 -23.76 -20.60
C PHE D 9 -3.27 -25.27 -20.60
N ALA D 10 -3.16 -25.87 -19.41
CA ALA D 10 -3.51 -27.27 -19.21
C ALA D 10 -5.01 -27.43 -19.04
N THR D 11 -5.53 -28.57 -19.46
CA THR D 11 -6.98 -28.78 -19.36
C THR D 11 -7.42 -28.85 -17.89
N GLU D 12 -8.73 -28.76 -17.70
CA GLU D 12 -9.29 -28.94 -16.38
C GLU D 12 -9.04 -30.34 -15.84
N GLN D 13 -9.15 -31.36 -16.71
CA GLN D 13 -8.92 -32.73 -16.27
C GLN D 13 -7.49 -32.91 -15.76
N THR D 14 -6.51 -32.48 -16.55
CA THR D 14 -5.13 -32.48 -16.08
C THR D 14 -4.99 -31.80 -14.73
N THR D 15 -5.55 -30.59 -14.60
CA THR D 15 -5.42 -29.83 -13.36
C THR D 15 -5.96 -30.58 -12.16
N GLN D 16 -7.14 -31.20 -12.29
CA GLN D 16 -7.72 -31.95 -11.19
C GLN D 16 -6.91 -33.18 -10.85
N GLN D 17 -6.24 -33.79 -11.82
CA GLN D 17 -5.41 -34.96 -11.52
C GLN D 17 -4.18 -34.58 -10.72
N VAL D 18 -3.60 -33.41 -10.99
CA VAL D 18 -2.41 -33.01 -10.25
C VAL D 18 -2.75 -32.78 -8.79
N PHE D 19 -3.79 -31.99 -8.52
CA PHE D 19 -4.11 -31.68 -7.13
C PHE D 19 -4.79 -32.84 -6.43
N GLN D 20 -5.40 -33.75 -7.16
CA GLN D 20 -5.92 -34.91 -6.47
C GLN D 20 -4.79 -35.79 -5.97
N LYS D 21 -3.71 -35.89 -6.75
CA LYS D 21 -2.55 -36.69 -6.37
C LYS D 21 -1.86 -36.11 -5.14
N LEU D 22 -1.66 -34.78 -5.11
CA LEU D 22 -1.24 -34.12 -3.86
C LEU D 22 -2.19 -34.45 -2.72
N GLY D 23 -3.49 -34.41 -2.99
CA GLY D 23 -4.52 -34.68 -2.01
C GLY D 23 -4.35 -35.99 -1.26
N SER D 24 -3.68 -36.98 -1.84
CA SER D 24 -3.54 -38.27 -1.17
C SER D 24 -2.48 -38.26 -0.07
N ASN D 25 -1.73 -37.17 0.10
CA ASN D 25 -0.82 -37.01 1.22
C ASN D 25 -1.46 -36.09 2.25
N MET D 26 -1.39 -36.48 3.53
CA MET D 26 -2.04 -35.72 4.59
C MET D 26 -1.52 -34.28 4.67
N GLU D 27 -0.21 -34.10 4.53
CA GLU D 27 0.38 -32.77 4.66
C GLU D 27 -0.25 -31.77 3.70
N ASN D 28 -0.75 -32.24 2.56
CA ASN D 28 -1.36 -31.35 1.58
C ASN D 28 -2.81 -31.04 1.88
N ARG D 29 -3.39 -31.64 2.92
CA ARG D 29 -4.77 -31.36 3.29
C ARG D 29 -4.85 -30.42 4.48
N VAL D 30 -3.74 -29.78 4.85
CA VAL D 30 -3.73 -28.70 5.83
C VAL D 30 -2.90 -27.56 5.26
N CYS D 31 -3.31 -26.34 5.58
CA CYS D 31 -2.62 -25.16 5.08
C CYS D 31 -1.17 -25.16 5.56
N PHE D 32 -0.24 -24.91 4.62
CA PHE D 32 1.18 -24.91 4.94
C PHE D 32 1.56 -23.86 5.98
N ASP D 33 0.76 -22.80 6.12
CA ASP D 33 1.09 -21.70 7.03
C ASP D 33 0.38 -21.79 8.36
N CYS D 34 -0.87 -22.22 8.41
CA CYS D 34 -1.59 -22.24 9.68
C CYS D 34 -2.25 -23.58 10.00
N GLY D 35 -2.20 -24.56 9.11
CA GLY D 35 -2.80 -25.85 9.40
C GLY D 35 -4.32 -25.92 9.38
N ASN D 36 -5.02 -24.93 8.83
CA ASN D 36 -6.44 -25.10 8.57
C ASN D 36 -6.66 -26.19 7.53
N LYS D 37 -7.76 -26.93 7.68
CA LYS D 37 -8.04 -28.09 6.84
C LYS D 37 -8.44 -27.69 5.42
N ASN D 38 -8.29 -28.67 4.51
CA ASN D 38 -8.50 -28.63 3.06
C ASN D 38 -8.19 -27.28 2.41
N PRO D 39 -6.91 -26.93 2.28
CA PRO D 39 -6.54 -25.72 1.54
C PRO D 39 -6.73 -25.92 0.04
N THR D 40 -7.37 -24.95 -0.60
CA THR D 40 -7.52 -24.96 -2.06
C THR D 40 -6.73 -23.86 -2.77
N TRP D 41 -6.17 -22.90 -2.04
CA TRP D 41 -5.36 -21.87 -2.67
C TRP D 41 -3.91 -22.32 -2.67
N THR D 42 -3.07 -21.58 -3.37
CA THR D 42 -1.68 -22.00 -3.50
C THR D 42 -0.79 -20.78 -3.55
N SER D 43 0.48 -20.98 -3.21
CA SER D 43 1.55 -20.08 -3.59
C SER D 43 2.30 -20.76 -4.72
N VAL D 44 2.11 -20.28 -5.95
CA VAL D 44 2.75 -20.90 -7.11
C VAL D 44 4.25 -21.03 -6.95
N PRO D 45 5.02 -19.96 -6.68
CA PRO D 45 6.48 -20.09 -6.65
C PRO D 45 7.00 -21.10 -5.64
N PHE D 46 6.29 -21.33 -4.54
CA PHE D 46 6.75 -22.31 -3.56
C PHE D 46 6.06 -23.65 -3.69
N GLY D 47 5.04 -23.74 -4.53
CA GLY D 47 4.34 -24.99 -4.74
C GLY D 47 3.66 -25.53 -3.51
N VAL D 48 3.05 -24.66 -2.69
CA VAL D 48 2.42 -25.06 -1.45
C VAL D 48 0.93 -24.73 -1.49
N MET D 49 0.18 -25.40 -0.65
CA MET D 49 -1.27 -25.26 -0.55
C MET D 49 -1.58 -24.34 0.64
N LEU D 50 -2.38 -23.30 0.40
CA LEU D 50 -2.77 -22.34 1.43
C LEU D 50 -4.28 -22.32 1.61
N CYS D 51 -4.72 -22.09 2.83
CA CYS D 51 -6.14 -21.84 3.06
C CYS D 51 -6.50 -20.43 2.58
N ILE D 52 -7.77 -20.07 2.73
CA ILE D 52 -8.24 -18.77 2.25
C ILE D 52 -7.48 -17.64 2.92
N GLN D 53 -7.48 -17.61 4.27
CA GLN D 53 -6.90 -16.47 5.00
C GLN D 53 -5.43 -16.25 4.62
N CYS D 54 -4.66 -17.34 4.48
CA CYS D 54 -3.23 -17.22 4.17
C CYS D 54 -2.97 -16.88 2.71
N SER D 55 -3.89 -17.20 1.80
CA SER D 55 -3.73 -16.68 0.44
C SER D 55 -3.80 -15.16 0.43
N ALA D 56 -4.64 -14.59 1.29
CA ALA D 56 -4.73 -13.13 1.37
C ALA D 56 -3.40 -12.51 1.79
N VAL D 57 -2.72 -13.12 2.77
CA VAL D 57 -1.40 -12.62 3.14
C VAL D 57 -0.44 -12.69 1.95
N HIS D 58 -0.50 -13.77 1.19
CA HIS D 58 0.45 -13.95 0.09
C HIS D 58 0.15 -13.02 -1.08
N ARG D 59 -1.13 -12.66 -1.28
CA ARG D 59 -1.49 -11.69 -2.31
C ARG D 59 -0.74 -10.38 -2.12
N ASN D 60 -0.91 -9.77 -0.96
CA ASN D 60 -0.35 -8.44 -0.69
C ASN D 60 1.14 -8.47 -0.39
N MET D 61 1.79 -9.63 -0.41
CA MET D 61 3.21 -9.65 -0.04
C MET D 61 4.10 -9.12 -1.16
N GLY D 62 3.69 -9.26 -2.40
CA GLY D 62 4.50 -8.76 -3.49
C GLY D 62 5.02 -9.89 -4.33
N VAL D 63 4.92 -9.74 -5.66
CA VAL D 63 5.15 -10.84 -6.57
C VAL D 63 6.59 -11.34 -6.55
N HIS D 64 7.54 -10.50 -6.14
CA HIS D 64 8.92 -10.98 -6.08
C HIS D 64 9.07 -12.11 -5.05
N ILE D 65 8.19 -12.19 -4.07
CA ILE D 65 8.21 -13.27 -3.10
C ILE D 65 7.22 -14.38 -3.45
N THR D 66 5.97 -14.04 -3.72
CA THR D 66 4.97 -15.07 -3.89
C THR D 66 3.80 -14.50 -4.67
N PHE D 67 3.00 -15.40 -5.25
CA PHE D 67 1.69 -15.03 -5.77
C PHE D 67 0.79 -16.26 -5.76
N VAL D 68 -0.50 -16.00 -5.65
CA VAL D 68 -1.48 -17.03 -5.31
C VAL D 68 -2.37 -17.35 -6.50
N LYS D 69 -2.84 -18.59 -6.52
CA LYS D 69 -3.74 -19.12 -7.53
C LYS D 69 -4.58 -20.19 -6.87
N SER D 70 -5.83 -20.28 -7.29
CA SER D 70 -6.77 -21.26 -6.77
C SER D 70 -6.61 -22.55 -7.56
N SER D 71 -6.38 -23.65 -6.86
CA SER D 71 -6.22 -24.93 -7.54
C SER D 71 -7.49 -25.36 -8.29
N THR D 72 -8.63 -24.80 -7.93
CA THR D 72 -9.90 -25.25 -8.47
C THR D 72 -10.66 -24.18 -9.24
N LEU D 73 -10.43 -22.90 -8.96
CA LEU D 73 -11.26 -21.86 -9.55
C LEU D 73 -10.54 -21.03 -10.61
N ASP D 74 -9.24 -21.19 -10.75
CA ASP D 74 -8.42 -20.50 -11.75
C ASP D 74 -7.96 -21.50 -12.80
N LYS D 75 -7.67 -20.98 -13.99
CA LYS D 75 -7.03 -21.78 -15.01
C LYS D 75 -5.51 -21.83 -14.78
N TRP D 76 -4.91 -22.97 -15.10
CA TRP D 76 -3.51 -23.23 -14.81
C TRP D 76 -2.70 -23.38 -16.09
N THR D 77 -1.56 -22.71 -16.17
CA THR D 77 -0.60 -23.04 -17.20
C THR D 77 0.15 -24.30 -16.81
N ILE D 78 0.56 -25.05 -17.83
CA ILE D 78 1.40 -26.22 -17.66
C ILE D 78 2.61 -25.90 -16.77
N ASN D 79 3.22 -24.73 -16.99
CA ASN D 79 4.44 -24.43 -16.24
C ASN D 79 4.15 -24.20 -14.76
N ASN D 80 3.08 -23.47 -14.44
CA ASN D 80 2.72 -23.33 -13.04
C ASN D 80 2.32 -24.68 -12.45
N LEU D 81 1.73 -25.54 -13.26
CA LEU D 81 1.23 -26.81 -12.76
C LEU D 81 2.37 -27.77 -12.43
N ARG D 82 3.47 -27.74 -13.19
CA ARG D 82 4.65 -28.54 -12.84
C ARG D 82 5.08 -28.34 -11.38
N ARG D 83 4.80 -27.17 -10.83
CA ARG D 83 5.28 -26.89 -9.49
C ARG D 83 4.54 -27.71 -8.45
N PHE D 84 3.33 -28.15 -8.76
CA PHE D 84 2.55 -28.98 -7.88
C PHE D 84 2.60 -30.44 -8.28
N LYS D 85 3.12 -30.76 -9.46
CA LYS D 85 3.54 -32.12 -9.74
C LYS D 85 4.79 -32.45 -8.92
N LEU D 86 5.76 -31.53 -8.89
CA LEU D 86 7.04 -31.75 -8.23
C LEU D 86 7.12 -31.15 -6.82
N GLY D 87 6.12 -30.39 -6.39
CA GLY D 87 6.18 -29.84 -5.06
C GLY D 87 5.07 -30.31 -4.14
N GLY D 88 4.21 -29.39 -3.72
CA GLY D 88 3.27 -29.67 -2.65
C GLY D 88 3.88 -29.41 -1.28
N ASN D 89 3.02 -29.52 -0.26
CA ASN D 89 3.42 -29.22 1.13
C ASN D 89 4.34 -30.30 1.69
N HIS D 90 4.21 -31.55 1.22
CA HIS D 90 5.02 -32.61 1.77
C HIS D 90 6.48 -32.50 1.35
N LYS D 91 6.72 -32.25 0.06
CA LYS D 91 8.10 -32.00 -0.40
C LYS D 91 8.70 -30.78 0.32
N ALA D 92 7.89 -29.73 0.53
CA ALA D 92 8.40 -28.51 1.13
C ALA D 92 8.76 -28.73 2.61
N ARG D 93 7.86 -29.38 3.35
CA ARG D 93 8.13 -29.64 4.77
C ARG D 93 9.39 -30.47 4.93
N ASP D 94 9.51 -31.54 4.14
CA ASP D 94 10.69 -32.39 4.20
C ASP D 94 11.97 -31.59 3.98
N PHE D 95 11.99 -30.77 2.93
CA PHE D 95 13.13 -29.91 2.68
C PHE D 95 13.37 -28.97 3.86
N PHE D 96 12.30 -28.35 4.38
CA PHE D 96 12.46 -27.47 5.52
C PHE D 96 13.02 -28.24 6.72
N LEU D 97 12.46 -29.42 7.00
CA LEU D 97 12.99 -30.29 8.05
C LEU D 97 14.45 -30.63 7.81
N LYS D 98 14.81 -30.91 6.56
CA LYS D 98 16.17 -31.33 6.23
C LYS D 98 17.17 -30.19 6.46
N ASN D 99 16.74 -28.94 6.28
CA ASN D 99 17.67 -27.82 6.36
C ASN D 99 17.45 -26.97 7.61
N ASN D 100 17.04 -27.63 8.71
CA ASN D 100 16.98 -27.01 10.03
C ASN D 100 16.01 -25.84 10.07
N GLY D 101 14.79 -26.06 9.58
CA GLY D 101 13.82 -24.98 9.54
C GLY D 101 12.46 -25.38 10.06
N LYS D 102 12.41 -26.31 11.02
CA LYS D 102 11.13 -26.80 11.50
C LYS D 102 10.37 -25.71 12.24
N GLN D 103 11.08 -24.78 12.88
CA GLN D 103 10.40 -23.70 13.59
C GLN D 103 9.62 -22.80 12.62
N LEU D 104 10.16 -22.60 11.42
CA LEU D 104 9.44 -21.83 10.40
C LEU D 104 8.17 -22.51 9.94
N LEU D 105 7.96 -23.78 10.25
CA LEU D 105 6.70 -24.41 9.93
C LEU D 105 5.69 -24.32 11.05
N ASN D 106 6.04 -23.65 12.16
CA ASN D 106 5.06 -23.43 13.22
C ASN D 106 3.85 -22.70 12.65
N THR D 107 2.69 -22.95 13.24
CA THR D 107 1.46 -22.38 12.71
C THR D 107 0.93 -21.22 13.53
N ALA D 108 1.49 -20.98 14.70
CA ALA D 108 1.29 -19.75 15.45
C ALA D 108 2.59 -18.95 15.42
N ASN D 109 2.48 -17.67 15.74
CA ASN D 109 3.60 -16.73 15.58
C ASN D 109 4.15 -16.84 14.16
N VAL D 110 3.25 -16.83 13.19
CA VAL D 110 3.59 -17.04 11.78
C VAL D 110 3.67 -15.67 11.12
N ASP D 111 4.89 -15.19 10.91
CA ASP D 111 5.12 -14.02 10.08
C ASP D 111 5.47 -14.53 8.68
N ALA D 112 4.47 -14.58 7.81
CA ALA D 112 4.68 -15.13 6.47
C ALA D 112 5.78 -14.39 5.73
N LYS D 113 5.88 -13.07 5.91
CA LYS D 113 6.90 -12.32 5.18
C LYS D 113 8.30 -12.73 5.59
N THR D 114 8.50 -13.08 6.87
CA THR D 114 9.82 -13.56 7.27
C THR D 114 10.02 -15.00 6.80
N LYS D 115 9.05 -15.87 7.08
CA LYS D 115 9.16 -17.27 6.69
C LYS D 115 9.55 -17.44 5.23
N TYR D 116 8.89 -16.70 4.33
CA TYR D 116 9.10 -16.87 2.89
C TYR D 116 10.23 -16.02 2.32
N THR D 117 10.83 -15.14 3.11
CA THR D 117 12.09 -14.50 2.75
C THR D 117 13.27 -15.05 3.55
N SER D 118 13.05 -16.05 4.39
CA SER D 118 14.13 -16.72 5.11
C SER D 118 15.09 -17.41 4.14
N PRO D 119 16.32 -17.69 4.58
CA PRO D 119 17.27 -18.37 3.69
C PRO D 119 16.85 -19.76 3.28
N VAL D 120 16.21 -20.53 4.17
CA VAL D 120 15.80 -21.88 3.81
C VAL D 120 14.67 -21.86 2.78
N ALA D 121 13.71 -20.94 2.94
CA ALA D 121 12.65 -20.82 1.94
C ALA D 121 13.23 -20.41 0.58
N LYS D 122 14.20 -19.50 0.58
CA LYS D 122 14.84 -19.12 -0.67
C LYS D 122 15.61 -20.29 -1.27
N LYS D 123 16.36 -21.03 -0.45
CA LYS D 123 16.99 -22.25 -0.95
C LYS D 123 15.95 -23.21 -1.51
N TYR D 124 14.77 -23.29 -0.90
CA TYR D 124 13.78 -24.25 -1.41
C TYR D 124 13.25 -23.83 -2.78
N LYS D 125 13.00 -22.54 -2.99
CA LYS D 125 12.55 -22.12 -4.30
C LYS D 125 13.55 -22.53 -5.38
N ILE D 126 14.84 -22.37 -5.09
CA ILE D 126 15.88 -22.79 -6.03
C ILE D 126 15.77 -24.29 -6.30
N HIS D 127 15.77 -25.10 -5.23
CA HIS D 127 15.61 -26.55 -5.37
C HIS D 127 14.39 -26.90 -6.23
N LEU D 128 13.22 -26.31 -5.93
CA LEU D 128 12.02 -26.58 -6.72
C LEU D 128 12.15 -26.04 -8.14
N ASP D 129 12.74 -24.85 -8.29
CA ASP D 129 13.00 -24.33 -9.63
C ASP D 129 13.82 -25.30 -10.44
N LYS D 130 14.89 -25.86 -9.85
CA LYS D 130 15.73 -26.80 -10.59
C LYS D 130 14.92 -28.02 -11.03
N LYS D 131 14.08 -28.55 -10.15
CA LYS D 131 13.23 -29.69 -10.51
C LYS D 131 12.26 -29.32 -11.63
N VAL D 132 11.70 -28.10 -11.59
CA VAL D 132 10.78 -27.68 -12.65
C VAL D 132 11.53 -27.49 -13.96
N GLN D 133 12.75 -26.98 -13.90
CA GLN D 133 13.54 -26.82 -15.12
C GLN D 133 13.83 -28.17 -15.77
N LYS D 134 14.11 -29.20 -14.96
CA LYS D 134 14.36 -30.51 -15.54
C LYS D 134 13.09 -31.12 -16.13
N ASP D 135 11.95 -30.94 -15.45
CA ASP D 135 10.69 -31.44 -16.00
C ASP D 135 10.40 -30.85 -17.37
N MET D 136 10.83 -29.61 -17.62
CA MET D 136 10.57 -28.98 -18.92
C MET D 136 11.45 -29.53 -20.03
N GLU D 137 12.69 -29.92 -19.71
CA GLU D 137 13.52 -30.56 -20.73
C GLU D 137 12.91 -31.88 -21.17
N LEU D 138 12.59 -32.75 -20.20
CA LEU D 138 12.04 -34.04 -20.55
C LEU D 138 10.66 -33.90 -21.19
N TYR D 139 9.82 -33.01 -20.64
CA TYR D 139 8.42 -32.89 -21.05
C TYR D 139 8.10 -31.44 -21.42
N PRO D 140 8.60 -30.97 -22.57
CA PRO D 140 8.30 -29.60 -22.98
C PRO D 140 6.84 -29.46 -23.40
N SER D 141 6.19 -28.41 -22.90
CA SER D 141 4.77 -28.13 -23.21
C SER D 141 3.85 -29.30 -22.85
N GLU D 142 4.27 -30.22 -21.99
CA GLU D 142 3.45 -31.34 -21.54
C GLU D 142 3.44 -31.38 -20.03
N LEU D 143 2.26 -31.45 -19.44
CA LEU D 143 2.15 -31.93 -18.07
C LEU D 143 1.79 -33.41 -18.12
N VAL D 144 2.76 -34.25 -17.83
CA VAL D 144 2.50 -35.69 -17.70
C VAL D 144 2.92 -36.10 -16.29
N LEU D 145 2.00 -36.73 -15.56
CA LEU D 145 2.31 -37.24 -14.23
C LEU D 145 2.42 -38.75 -14.37
N ASN D 146 3.65 -39.26 -14.33
CA ASN D 146 3.90 -40.67 -14.62
C ASN D 146 5.25 -41.09 -14.04
ZN ZN E . -14.50 -8.60 8.72
C1 GOL F . -13.95 12.04 25.38
O1 GOL F . -14.15 13.19 24.63
C2 GOL F . -15.31 11.64 26.04
O2 GOL F . -16.21 11.12 25.14
C3 GOL F . -14.95 10.67 27.18
O3 GOL F . -16.12 10.03 27.51
ZN ZN G . -20.90 33.69 -6.04
ZN ZN H . 25.45 9.76 -11.33
ZN ZN I . -3.66 -20.78 6.50
C1 GOL J . 19.36 -29.70 -4.37
O1 GOL J . 19.71 -29.23 -3.11
C2 GOL J . 19.76 -28.63 -5.47
O2 GOL J . 19.48 -29.10 -6.77
C3 GOL J . 19.00 -27.31 -5.16
O3 GOL J . 19.46 -26.84 -3.96
#